data_3KUZ
#
_entry.id   3KUZ
#
_cell.length_a   72.246
_cell.length_b   72.246
_cell.length_c   116.235
_cell.angle_alpha   90.000
_cell.angle_beta   90.000
_cell.angle_gamma   90.000
#
_symmetry.space_group_name_H-M   'P 43 21 2'
#
loop_
_entity.id
_entity.type
_entity.pdbx_description
1 polymer Plexin-C1
2 non-polymer 'UNKNOWN ATOM OR ION'
3 water water
#
_entity_poly.entity_id   1
_entity_poly.type   'polypeptide(L)'
_entity_poly.pdbx_seq_one_letter_code
;MHHHHHHSSGRENLYFQGTVALNVVFEKIPENESADVCRNISVNVLDCDTIGQAKEKIFQAFLSKNGSPYGLQLNEIGLE
LQMGTRQKELLDIDSSSVILEDGITKLNTIGHYEISNGSTIKVFKK
;
_entity_poly.pdbx_strand_id   A,B
#
loop_
_chem_comp.id
_chem_comp.type
_chem_comp.name
_chem_comp.formula
UNX non-polymer 'UNKNOWN ATOM OR ION' ?
#
# COMPACT_ATOMS: atom_id res chain seq x y z
N GLN A 17 8.63 2.86 -1.36
CA GLN A 17 7.57 3.54 -0.53
C GLN A 17 7.98 4.96 -0.10
N GLY A 18 7.05 5.92 -0.16
CA GLY A 18 7.29 7.30 0.30
C GLY A 18 6.97 7.48 1.79
N THR A 19 7.80 8.25 2.50
CA THR A 19 7.60 8.59 3.92
C THR A 19 6.68 9.81 4.06
N VAL A 20 5.82 9.79 5.08
CA VAL A 20 4.99 10.93 5.43
C VAL A 20 5.21 11.30 6.90
N ALA A 21 5.69 12.52 7.13
CA ALA A 21 5.84 13.03 8.49
C ALA A 21 4.47 13.48 8.97
N LEU A 22 3.99 12.92 10.07
CA LEU A 22 2.72 13.34 10.64
C LEU A 22 3.02 14.11 11.91
N ASN A 23 2.31 15.22 12.09
CA ASN A 23 2.35 15.99 13.33
C ASN A 23 1.28 15.41 14.20
N VAL A 24 1.65 14.55 15.14
CA VAL A 24 0.65 13.84 15.92
C VAL A 24 0.37 14.56 17.25
N VAL A 25 -0.91 14.75 17.56
CA VAL A 25 -1.34 15.30 18.84
C VAL A 25 -2.06 14.21 19.61
N PHE A 26 -1.60 13.90 20.83
CA PHE A 26 -2.23 12.90 21.70
C PHE A 26 -3.18 13.57 22.68
N GLU A 27 -4.36 12.99 22.86
CA GLU A 27 -5.32 13.46 23.86
C GLU A 27 -4.75 13.17 25.24
N LYS A 28 -4.79 14.18 26.12
CA LYS A 28 -4.38 13.98 27.53
C LYS A 28 -5.44 13.12 28.19
N ILE A 29 -5.00 11.99 28.76
CA ILE A 29 -5.87 11.03 29.43
C ILE A 29 -5.24 10.62 30.77
N PRO A 30 -6.06 10.16 31.72
CA PRO A 30 -5.54 9.83 33.06
C PRO A 30 -4.71 8.55 33.08
N GLU A 31 -4.85 7.72 32.05
CA GLU A 31 -4.00 6.55 31.83
C GLU A 31 -2.56 6.87 31.41
N ASN A 32 -2.22 8.14 31.10
CA ASN A 32 -0.81 8.54 30.89
C ASN A 32 -0.06 8.51 32.26
N GLU A 33 1.26 8.35 32.24
CA GLU A 33 2.05 8.21 33.50
C GLU A 33 2.02 9.49 34.36
N SER A 34 2.23 10.63 33.70
CA SER A 34 2.21 11.94 34.35
C SER A 34 1.45 12.91 33.45
N ALA A 35 1.31 14.15 33.91
CA ALA A 35 0.77 15.26 33.08
C ALA A 35 1.88 15.97 32.29
N ASP A 36 3.14 15.65 32.59
CA ASP A 36 4.32 16.23 31.90
C ASP A 36 4.71 15.53 30.59
N VAL A 37 4.08 14.41 30.27
CA VAL A 37 4.40 13.70 29.01
C VAL A 37 4.33 14.62 27.77
N CYS A 38 5.20 14.40 26.81
CA CYS A 38 5.14 15.14 25.52
C CYS A 38 4.04 14.51 24.68
N ARG A 39 3.05 15.33 24.29
CA ARG A 39 1.85 14.92 23.56
C ARG A 39 1.83 15.47 22.12
N ASN A 40 2.91 16.12 21.69
CA ASN A 40 3.02 16.65 20.31
C ASN A 40 4.30 16.15 19.66
N ILE A 41 4.17 15.17 18.77
CA ILE A 41 5.34 14.45 18.28
C ILE A 41 5.25 14.31 16.79
N SER A 42 6.38 14.47 16.09
CA SER A 42 6.46 14.15 14.68
C SER A 42 6.81 12.67 14.54
N VAL A 43 5.98 11.98 13.75
CA VAL A 43 6.04 10.54 13.52
C VAL A 43 5.99 10.30 12.02
N ASN A 44 7.03 9.65 11.52
CA ASN A 44 7.02 9.09 10.18
C ASN A 44 6.14 7.86 10.04
N VAL A 45 5.46 7.80 8.90
CA VAL A 45 4.82 6.59 8.42
C VAL A 45 5.17 6.45 6.94
N LEU A 46 4.65 5.42 6.30
CA LEU A 46 4.91 5.15 4.90
C LEU A 46 3.55 5.28 4.28
N ASP A 47 3.50 5.78 3.05
CA ASP A 47 2.22 5.95 2.33
C ASP A 47 1.43 4.66 2.16
N CYS A 48 2.15 3.53 2.06
CA CYS A 48 1.50 2.24 1.94
C CYS A 48 1.16 1.56 3.29
N ASP A 49 1.57 2.15 4.41
CA ASP A 49 1.23 1.64 5.74
C ASP A 49 -0.26 1.62 5.91
N THR A 50 -0.83 0.54 6.41
CA THR A 50 -2.23 0.58 6.77
C THR A 50 -2.39 1.53 7.96
N ILE A 51 -3.63 1.93 8.21
CA ILE A 51 -3.95 2.74 9.35
C ILE A 51 -3.51 2.00 10.61
N GLY A 52 -3.68 0.68 10.65
CA GLY A 52 -3.23 -0.12 11.82
C GLY A 52 -1.73 -0.03 12.04
N GLN A 53 -0.97 -0.22 10.95
CA GLN A 53 0.47 -0.01 10.98
C GLN A 53 0.86 1.39 11.43
N ALA A 54 0.10 2.38 10.98
CA ALA A 54 0.40 3.77 11.28
C ALA A 54 0.21 4.01 12.79
N LYS A 55 -0.84 3.40 13.34
CA LYS A 55 -1.12 3.42 14.75
C LYS A 55 0.02 2.78 15.57
N GLU A 56 0.59 1.66 15.12
CA GLU A 56 1.68 1.06 15.87
C GLU A 56 2.83 2.03 15.94
N LYS A 57 3.11 2.68 14.81
CA LYS A 57 4.23 3.61 14.77
C LYS A 57 4.01 4.79 15.70
N ILE A 58 2.77 5.20 15.84
CA ILE A 58 2.45 6.38 16.63
C ILE A 58 2.62 6.03 18.12
N PHE A 59 2.24 4.82 18.49
CA PHE A 59 2.42 4.34 19.89
C PHE A 59 3.89 4.19 20.19
N GLN A 60 4.59 3.53 19.29
CA GLN A 60 6.02 3.35 19.46
C GLN A 60 6.69 4.71 19.67
N ALA A 61 6.34 5.69 18.88
CA ALA A 61 7.00 6.99 18.94
C ALA A 61 6.67 7.71 20.23
N PHE A 62 5.44 7.56 20.71
CA PHE A 62 5.10 8.06 22.01
C PHE A 62 6.04 7.45 23.06
N LEU A 63 6.22 6.13 23.02
CA LEU A 63 7.01 5.42 24.01
C LEU A 63 8.48 5.81 23.92
N SER A 64 9.03 5.88 22.72
CA SER A 64 10.42 6.31 22.56
C SER A 64 10.68 7.73 23.09
N LYS A 65 9.67 8.59 22.97
CA LYS A 65 9.83 9.97 23.40
C LYS A 65 9.63 10.11 24.91
N ASN A 66 8.60 9.46 25.44
CA ASN A 66 8.16 9.75 26.80
C ASN A 66 8.71 8.79 27.84
N GLY A 67 9.36 7.72 27.38
CA GLY A 67 9.75 6.61 28.24
C GLY A 67 8.62 5.86 28.92
N SER A 68 7.38 6.10 28.50
CA SER A 68 6.22 5.43 29.07
C SER A 68 5.18 5.31 27.99
N PRO A 69 4.31 4.30 28.07
CA PRO A 69 3.35 4.17 26.98
C PRO A 69 2.22 5.16 27.11
N TYR A 70 1.44 5.27 26.03
CA TYR A 70 0.26 6.09 26.00
C TYR A 70 -0.74 5.63 27.05
N GLY A 71 -0.95 4.32 27.12
CA GLY A 71 -1.67 3.72 28.24
C GLY A 71 -2.88 2.88 27.87
N LEU A 72 -3.38 3.09 26.65
CA LEU A 72 -4.50 2.34 26.10
C LEU A 72 -3.99 1.36 25.08
N GLN A 73 -4.91 0.50 24.66
CA GLN A 73 -4.70 -0.43 23.57
C GLN A 73 -4.99 0.23 22.23
N LEU A 74 -4.47 -0.36 21.16
CA LEU A 74 -4.67 0.21 19.85
C LEU A 74 -6.15 0.19 19.46
N ASN A 75 -6.87 -0.85 19.90
CA ASN A 75 -8.33 -0.93 19.69
C ASN A 75 -9.13 0.07 20.54
N GLU A 76 -8.51 0.70 21.53
CA GLU A 76 -9.19 1.70 22.36
C GLU A 76 -8.96 3.13 21.86
N ILE A 77 -8.11 3.32 20.85
CA ILE A 77 -7.88 4.66 20.30
C ILE A 77 -8.29 4.81 18.85
N GLY A 78 -8.44 6.05 18.44
CA GLY A 78 -8.71 6.37 17.07
C GLY A 78 -7.79 7.48 16.63
N LEU A 79 -7.66 7.62 15.32
CA LEU A 79 -6.93 8.69 14.68
C LEU A 79 -7.91 9.54 13.90
N GLU A 80 -7.83 10.86 14.06
CA GLU A 80 -8.55 11.84 13.23
C GLU A 80 -7.59 12.76 12.51
N LEU A 81 -7.77 12.84 11.19
CA LEU A 81 -7.03 13.76 10.34
C LEU A 81 -7.72 15.11 10.41
N GLN A 82 -6.95 16.15 10.74
CA GLN A 82 -7.48 17.51 10.81
C GLN A 82 -7.37 18.20 9.43
N MET A 83 -8.53 18.33 8.77
CA MET A 83 -8.64 18.87 7.40
C MET A 83 -9.10 20.34 7.39
N GLY A 84 -8.18 21.26 7.70
CA GLY A 84 -8.54 22.64 8.02
C GLY A 84 -9.70 22.69 9.02
N THR A 85 -10.90 23.00 8.51
CA THR A 85 -12.11 23.00 9.34
C THR A 85 -12.53 21.56 9.71
N ARG A 86 -12.51 20.66 8.72
CA ARG A 86 -13.02 19.28 8.90
C ARG A 86 -12.15 18.37 9.79
N GLN A 87 -12.80 17.44 10.47
CA GLN A 87 -12.13 16.34 11.20
C GLN A 87 -12.58 15.01 10.58
N LYS A 88 -11.64 14.17 10.15
CA LYS A 88 -11.94 12.95 9.39
C LYS A 88 -11.31 11.73 10.07
N GLU A 89 -12.13 10.76 10.54
CA GLU A 89 -11.56 9.58 11.20
C GLU A 89 -10.86 8.66 10.19
N LEU A 90 -9.67 8.19 10.56
CA LEU A 90 -8.89 7.28 9.73
C LEU A 90 -9.07 5.86 10.21
N LEU A 91 -9.55 5.00 9.32
CA LEU A 91 -9.89 3.63 9.68
C LEU A 91 -9.28 2.66 8.69
N ASP A 92 -9.04 1.44 9.15
CA ASP A 92 -8.56 0.32 8.33
C ASP A 92 -9.57 -0.12 7.25
N ILE A 93 -10.84 -0.17 7.63
CA ILE A 93 -11.96 -0.47 6.72
C ILE A 93 -13.04 0.61 6.95
N ASP A 94 -13.46 1.28 5.88
CA ASP A 94 -14.68 2.12 5.94
C ASP A 94 -15.36 2.16 4.58
N SER A 95 -16.36 3.03 4.46
CA SER A 95 -17.19 3.04 3.28
C SER A 95 -16.42 3.52 2.08
N SER A 96 -15.19 3.98 2.28
CA SER A 96 -14.33 4.45 1.18
C SER A 96 -13.37 3.37 0.68
N SER A 97 -13.34 2.22 1.33
CA SER A 97 -12.32 1.22 1.03
C SER A 97 -12.49 0.66 -0.37
N VAL A 98 -11.36 0.20 -0.91
CA VAL A 98 -11.25 -0.42 -2.22
C VAL A 98 -11.56 -1.93 -2.14
N ILE A 99 -12.53 -2.37 -2.94
CA ILE A 99 -12.88 -3.77 -3.08
C ILE A 99 -12.09 -4.22 -4.29
N LEU A 100 -11.31 -5.26 -4.07
CA LEU A 100 -10.42 -5.82 -5.05
C LEU A 100 -11.14 -6.86 -5.89
N GLU A 101 -10.41 -7.42 -6.85
CA GLU A 101 -10.89 -8.42 -7.85
C GLU A 101 -11.82 -9.54 -7.38
N ASP A 102 -11.51 -10.14 -6.25
CA ASP A 102 -12.27 -11.31 -5.81
C ASP A 102 -13.34 -10.98 -4.79
N GLY A 103 -13.66 -9.69 -4.64
CA GLY A 103 -14.57 -9.25 -3.58
C GLY A 103 -13.87 -8.86 -2.29
N ILE A 104 -12.60 -9.26 -2.16
CA ILE A 104 -11.78 -8.90 -1.01
C ILE A 104 -11.59 -7.39 -0.88
N THR A 105 -11.72 -6.87 0.35
CA THR A 105 -11.51 -5.43 0.64
C THR A 105 -10.04 -5.15 0.98
N LYS A 106 -9.47 -4.09 0.38
CA LYS A 106 -8.09 -3.72 0.60
C LYS A 106 -8.10 -2.81 1.83
N LEU A 107 -7.19 -3.06 2.77
CA LEU A 107 -7.17 -2.24 3.99
C LEU A 107 -6.73 -0.82 3.65
N ASN A 108 -7.35 0.20 4.26
CA ASN A 108 -6.96 1.59 3.95
C ASN A 108 -5.56 1.90 4.46
N THR A 109 -4.82 2.65 3.65
CA THR A 109 -3.45 3.01 3.88
C THR A 109 -3.42 4.50 4.12
N ILE A 110 -2.25 5.02 4.41
CA ILE A 110 -2.08 6.43 4.60
C ILE A 110 -2.33 7.12 3.29
N GLY A 111 -1.74 6.56 2.22
CA GLY A 111 -1.91 7.06 0.84
C GLY A 111 -3.34 7.03 0.30
N HIS A 112 -4.18 6.16 0.87
CA HIS A 112 -5.60 6.05 0.47
C HIS A 112 -6.31 7.34 0.87
N TYR A 113 -5.92 7.91 1.99
CA TYR A 113 -6.54 9.13 2.46
C TYR A 113 -5.80 10.39 1.96
N GLU A 114 -4.83 10.25 1.09
CA GLU A 114 -4.16 11.43 0.53
C GLU A 114 -3.77 12.35 1.70
N ILE A 115 -2.91 11.82 2.56
CA ILE A 115 -2.41 12.54 3.74
C ILE A 115 -1.08 13.11 3.31
N SER A 116 -0.89 14.40 3.58
CA SER A 116 0.29 15.15 3.14
C SER A 116 1.28 15.32 4.30
N ASN A 117 2.59 15.40 4.01
CA ASN A 117 3.60 15.73 5.03
C ASN A 117 3.10 16.87 5.89
N GLY A 118 3.23 16.73 7.20
CA GLY A 118 2.85 17.78 8.12
C GLY A 118 1.36 17.84 8.46
N SER A 119 0.58 16.92 7.93
CA SER A 119 -0.82 16.85 8.34
C SER A 119 -0.93 16.63 9.86
N THR A 120 -2.00 17.16 10.46
CA THR A 120 -2.23 16.98 11.88
C THR A 120 -3.14 15.79 12.11
N ILE A 121 -2.68 14.87 12.96
CA ILE A 121 -3.41 13.66 13.29
C ILE A 121 -3.66 13.65 14.80
N LYS A 122 -4.93 13.60 15.18
CA LYS A 122 -5.30 13.61 16.59
C LYS A 122 -5.55 12.16 17.04
N VAL A 123 -4.78 11.71 18.04
CA VAL A 123 -5.04 10.45 18.71
C VAL A 123 -6.05 10.72 19.83
N PHE A 124 -7.17 10.01 19.81
CA PHE A 124 -8.24 10.25 20.75
C PHE A 124 -8.69 8.91 21.30
N LYS A 125 -9.16 8.94 22.54
CA LYS A 125 -9.76 7.78 23.21
C LYS A 125 -11.15 7.49 22.60
N LYS A 126 -11.29 6.32 21.97
CA LYS A 126 -12.59 5.87 21.43
C LYS A 126 -13.48 5.44 22.60
N GLY B 18 2.27 8.13 -5.23
CA GLY B 18 3.60 7.59 -5.74
C GLY B 18 3.50 6.59 -6.92
N THR B 19 3.98 6.99 -8.09
CA THR B 19 3.82 6.25 -9.35
C THR B 19 5.14 5.70 -9.92
N VAL B 20 5.08 4.48 -10.45
CA VAL B 20 6.24 3.89 -11.06
C VAL B 20 5.90 3.36 -12.46
N ALA B 21 6.79 3.61 -13.42
CA ALA B 21 6.60 3.22 -14.82
C ALA B 21 7.33 1.93 -15.07
N LEU B 22 6.61 0.90 -15.45
CA LEU B 22 7.22 -0.41 -15.66
C LEU B 22 7.40 -0.64 -17.16
N ASN B 23 8.46 -1.35 -17.53
CA ASN B 23 8.69 -1.83 -18.88
CA ASN B 23 8.65 -1.80 -18.89
C ASN B 23 8.13 -3.24 -18.91
N VAL B 24 6.96 -3.43 -19.48
CA VAL B 24 6.33 -4.75 -19.43
C VAL B 24 6.55 -5.50 -20.76
N VAL B 25 6.98 -6.75 -20.63
CA VAL B 25 7.21 -7.67 -21.76
C VAL B 25 6.22 -8.80 -21.63
N PHE B 26 5.39 -9.01 -22.65
CA PHE B 26 4.41 -10.09 -22.59
C PHE B 26 4.93 -11.33 -23.30
N GLU B 27 4.78 -12.49 -22.67
CA GLU B 27 5.08 -13.76 -23.32
C GLU B 27 4.21 -13.90 -24.56
N LYS B 28 4.81 -14.37 -25.66
CA LYS B 28 4.08 -14.65 -26.91
C LYS B 28 3.29 -15.96 -26.79
N ILE B 29 1.96 -15.86 -26.82
CA ILE B 29 1.10 -17.04 -26.75
C ILE B 29 0.12 -17.10 -27.95
N PRO B 30 -0.36 -18.31 -28.29
CA PRO B 30 -1.31 -18.45 -29.41
C PRO B 30 -2.62 -17.74 -29.11
N GLU B 31 -2.99 -17.68 -27.82
CA GLU B 31 -4.20 -16.98 -27.35
C GLU B 31 -4.28 -15.48 -27.73
N ASN B 32 -3.17 -14.87 -28.15
CA ASN B 32 -3.19 -13.52 -28.73
C ASN B 32 -3.92 -13.52 -30.10
N GLU B 33 -4.54 -12.40 -30.47
CA GLU B 33 -5.33 -12.30 -31.72
C GLU B 33 -4.50 -12.58 -33.01
N SER B 34 -3.40 -11.83 -33.15
CA SER B 34 -2.42 -12.00 -34.25
C SER B 34 -1.06 -12.37 -33.64
N ALA B 35 -0.05 -12.56 -34.50
CA ALA B 35 1.36 -12.60 -34.08
C ALA B 35 2.03 -11.21 -34.29
N ASP B 36 1.22 -10.22 -34.67
CA ASP B 36 1.70 -8.86 -34.91
C ASP B 36 1.52 -7.92 -33.69
N VAL B 37 0.89 -8.40 -32.60
CA VAL B 37 0.52 -7.49 -31.51
C VAL B 37 1.75 -6.96 -30.80
N CYS B 38 1.63 -5.77 -30.22
CA CYS B 38 2.72 -5.16 -29.47
C CYS B 38 2.85 -5.80 -28.09
N ARG B 39 4.07 -6.22 -27.76
CA ARG B 39 4.35 -7.03 -26.58
C ARG B 39 5.30 -6.36 -25.62
N ASN B 40 5.72 -5.16 -25.90
CA ASN B 40 6.62 -4.45 -25.00
C ASN B 40 5.97 -3.10 -24.76
N ILE B 41 5.50 -2.90 -23.53
CA ILE B 41 4.63 -1.78 -23.18
C ILE B 41 5.00 -1.18 -21.83
N SER B 42 5.06 0.15 -21.74
CA SER B 42 5.33 0.84 -20.48
C SER B 42 4.01 0.94 -19.79
N VAL B 43 3.98 0.66 -18.49
CA VAL B 43 2.73 0.69 -17.75
C VAL B 43 3.01 1.33 -16.41
N ASN B 44 2.24 2.37 -16.10
CA ASN B 44 2.32 3.04 -14.80
C ASN B 44 1.50 2.27 -13.78
N VAL B 45 2.04 2.15 -12.57
CA VAL B 45 1.34 1.55 -11.46
C VAL B 45 1.69 2.40 -10.24
N LEU B 46 0.97 2.22 -9.16
CA LEU B 46 1.24 2.95 -7.92
C LEU B 46 2.04 2.02 -7.02
N ASP B 47 2.94 2.61 -6.23
CA ASP B 47 3.74 1.88 -5.23
C ASP B 47 2.88 1.11 -4.27
N CYS B 48 1.70 1.66 -3.98
CA CYS B 48 0.71 1.03 -3.11
C CYS B 48 -0.33 0.14 -3.79
N ASP B 49 -0.28 -0.02 -5.12
CA ASP B 49 -1.07 -1.07 -5.79
C ASP B 49 -0.63 -2.45 -5.34
N THR B 50 -1.56 -3.35 -5.08
CA THR B 50 -1.24 -4.74 -4.87
C THR B 50 -0.74 -5.34 -6.18
N ILE B 51 -0.09 -6.50 -6.10
CA ILE B 51 0.31 -7.17 -7.32
C ILE B 51 -0.93 -7.43 -8.18
N GLY B 52 -2.05 -7.79 -7.57
CA GLY B 52 -3.26 -8.01 -8.34
C GLY B 52 -3.75 -6.76 -9.03
N GLN B 53 -3.73 -5.64 -8.33
CA GLN B 53 -4.08 -4.35 -8.95
C GLN B 53 -3.15 -3.98 -10.12
N ALA B 54 -1.86 -4.25 -9.98
CA ALA B 54 -0.90 -4.03 -11.05
C ALA B 54 -1.21 -4.92 -12.24
N LYS B 55 -1.50 -6.22 -12.01
CA LYS B 55 -1.86 -7.11 -13.12
C LYS B 55 -3.05 -6.57 -13.93
N GLU B 56 -4.04 -6.01 -13.25
CA GLU B 56 -5.20 -5.36 -13.92
C GLU B 56 -4.80 -4.19 -14.79
N LYS B 57 -3.92 -3.34 -14.31
CA LYS B 57 -3.47 -2.22 -15.12
C LYS B 57 -2.65 -2.65 -16.33
N ILE B 58 -1.95 -3.76 -16.18
CA ILE B 58 -1.12 -4.30 -17.21
C ILE B 58 -1.96 -4.91 -18.33
N PHE B 59 -2.95 -5.69 -17.93
CA PHE B 59 -3.97 -6.17 -18.87
C PHE B 59 -4.72 -5.04 -19.58
N GLN B 60 -5.05 -4.00 -18.85
CA GLN B 60 -5.72 -2.87 -19.45
C GLN B 60 -4.83 -2.16 -20.47
N ALA B 61 -3.55 -2.07 -20.20
CA ALA B 61 -2.65 -1.36 -21.10
C ALA B 61 -2.42 -2.15 -22.39
N PHE B 62 -2.34 -3.48 -22.27
CA PHE B 62 -2.24 -4.34 -23.44
C PHE B 62 -3.46 -4.11 -24.36
N LEU B 63 -4.64 -4.13 -23.77
CA LEU B 63 -5.89 -3.98 -24.52
C LEU B 63 -5.96 -2.58 -25.12
N SER B 64 -5.63 -1.57 -24.32
CA SER B 64 -5.67 -0.21 -24.82
C SER B 64 -4.73 0.01 -26.01
N LYS B 65 -3.57 -0.65 -25.99
CA LYS B 65 -2.56 -0.52 -27.04
C LYS B 65 -2.95 -1.28 -28.31
N ASN B 66 -3.38 -2.53 -28.13
CA ASN B 66 -3.51 -3.47 -29.22
C ASN B 66 -4.90 -3.61 -29.78
N GLY B 67 -5.91 -3.18 -29.01
CA GLY B 67 -7.31 -3.30 -29.40
C GLY B 67 -7.82 -4.72 -29.31
N SER B 68 -7.05 -5.58 -28.67
CA SER B 68 -7.45 -6.95 -28.41
C SER B 68 -6.86 -7.34 -27.06
N PRO B 69 -7.52 -8.27 -26.32
CA PRO B 69 -7.04 -8.66 -25.02
C PRO B 69 -5.86 -9.58 -25.09
N TYR B 70 -5.17 -9.73 -23.96
CA TYR B 70 -4.03 -10.63 -23.89
C TYR B 70 -4.50 -12.06 -24.12
N GLY B 71 -5.64 -12.43 -23.55
CA GLY B 71 -6.31 -13.68 -23.92
C GLY B 71 -6.52 -14.66 -22.78
N LEU B 72 -5.63 -14.62 -21.78
CA LEU B 72 -5.73 -15.47 -20.59
C LEU B 72 -6.40 -14.72 -19.46
N GLN B 73 -6.92 -15.48 -18.50
CA GLN B 73 -7.44 -14.89 -17.28
C GLN B 73 -6.27 -14.35 -16.44
N LEU B 74 -6.57 -13.43 -15.53
CA LEU B 74 -5.54 -12.93 -14.61
C LEU B 74 -4.90 -14.06 -13.81
N ASN B 75 -5.67 -15.05 -13.42
CA ASN B 75 -5.13 -16.15 -12.62
C ASN B 75 -4.38 -17.21 -13.44
N GLU B 76 -4.40 -17.07 -14.76
CA GLU B 76 -3.62 -17.94 -15.66
C GLU B 76 -2.23 -17.36 -15.95
N ILE B 77 -1.98 -16.11 -15.51
CA ILE B 77 -0.71 -15.45 -15.80
C ILE B 77 0.08 -15.07 -14.54
N GLY B 78 1.38 -14.93 -14.70
CA GLY B 78 2.22 -14.45 -13.61
C GLY B 78 3.02 -13.26 -14.06
N LEU B 79 3.62 -12.58 -13.08
CA LEU B 79 4.54 -11.46 -13.31
C LEU B 79 5.89 -11.83 -12.71
N GLU B 80 6.93 -11.57 -13.48
CA GLU B 80 8.31 -11.82 -13.07
C GLU B 80 9.12 -10.54 -13.21
N LEU B 81 9.69 -10.12 -12.09
CA LEU B 81 10.59 -8.99 -12.06
C LEU B 81 11.97 -9.43 -12.55
N GLN B 82 12.54 -8.71 -13.52
CA GLN B 82 13.92 -8.93 -13.96
C GLN B 82 14.91 -8.13 -13.09
N MET B 83 15.77 -8.81 -12.34
CA MET B 83 16.81 -8.15 -11.55
C MET B 83 18.16 -8.66 -12.03
N GLY B 84 18.83 -7.91 -12.91
CA GLY B 84 20.10 -8.37 -13.48
C GLY B 84 19.95 -9.78 -14.05
N THR B 85 20.87 -10.67 -13.69
CA THR B 85 20.77 -12.07 -14.11
C THR B 85 19.57 -12.83 -13.47
N ARG B 86 18.95 -12.28 -12.42
CA ARG B 86 17.92 -12.99 -11.64
C ARG B 86 16.46 -12.72 -12.08
N GLN B 87 15.61 -13.74 -11.93
CA GLN B 87 14.15 -13.63 -12.11
C GLN B 87 13.42 -13.78 -10.75
N LYS B 88 12.40 -12.95 -10.48
CA LYS B 88 11.69 -12.96 -9.20
C LYS B 88 10.19 -12.88 -9.44
N GLU B 89 9.44 -13.88 -9.01
CA GLU B 89 8.00 -13.85 -9.21
C GLU B 89 7.31 -12.94 -8.20
N LEU B 90 6.32 -12.20 -8.70
CA LEU B 90 5.62 -11.23 -7.92
C LEU B 90 4.23 -11.75 -7.67
N LEU B 91 3.88 -11.87 -6.41
CA LEU B 91 2.59 -12.39 -6.01
C LEU B 91 1.99 -11.50 -4.95
N ASP B 92 0.68 -11.56 -4.85
CA ASP B 92 -0.07 -10.91 -3.79
C ASP B 92 0.32 -11.43 -2.38
N ILE B 93 0.49 -12.73 -2.24
CA ILE B 93 0.93 -13.37 -1.00
C ILE B 93 2.08 -14.34 -1.28
N ASP B 94 3.19 -14.20 -0.56
CA ASP B 94 4.28 -15.15 -0.61
C ASP B 94 5.00 -15.17 0.74
N SER B 95 6.15 -15.84 0.78
CA SER B 95 6.85 -16.09 2.02
C SER B 95 7.44 -14.83 2.59
N SER B 96 7.49 -13.77 1.78
CA SER B 96 7.98 -12.50 2.25
C SER B 96 6.87 -11.57 2.72
N SER B 97 5.61 -11.99 2.68
CA SER B 97 4.53 -11.05 3.06
C SER B 97 4.55 -10.58 4.53
N VAL B 98 3.99 -9.38 4.76
CA VAL B 98 3.91 -8.80 6.10
C VAL B 98 2.68 -9.32 6.84
N ILE B 99 2.91 -9.89 8.02
CA ILE B 99 1.84 -10.31 8.88
C ILE B 99 1.56 -9.13 9.79
N LEU B 100 0.32 -8.72 9.80
CA LEU B 100 -0.10 -7.54 10.53
C LEU B 100 -0.48 -7.86 11.98
N GLU B 101 -0.77 -6.79 12.72
CA GLU B 101 -1.32 -6.83 14.10
C GLU B 101 -2.07 -8.10 14.50
N ASP B 102 -3.19 -8.40 13.85
CA ASP B 102 -4.06 -9.46 14.37
C ASP B 102 -3.86 -10.82 13.70
N GLY B 103 -2.71 -11.00 13.07
CA GLY B 103 -2.45 -12.19 12.27
C GLY B 103 -2.84 -12.10 10.79
N ILE B 104 -3.56 -11.07 10.39
CA ILE B 104 -3.92 -10.85 8.99
C ILE B 104 -2.66 -10.64 8.16
N THR B 105 -2.64 -11.20 6.96
CA THR B 105 -1.52 -11.00 6.06
C THR B 105 -1.82 -9.83 5.14
N LYS B 106 -0.89 -8.88 5.06
CA LYS B 106 -1.00 -7.74 4.20
C LYS B 106 -0.68 -8.21 2.79
N LEU B 107 -1.50 -7.80 1.82
CA LEU B 107 -1.21 -8.13 0.43
C LEU B 107 0.02 -7.36 -0.05
N ASN B 108 0.91 -8.07 -0.72
CA ASN B 108 2.10 -7.50 -1.32
C ASN B 108 1.75 -6.43 -2.35
N THR B 109 2.51 -5.35 -2.33
CA THR B 109 2.36 -4.23 -3.20
C THR B 109 3.60 -4.17 -4.08
N ILE B 110 3.58 -3.26 -5.03
CA ILE B 110 4.73 -2.97 -5.88
C ILE B 110 5.85 -2.41 -4.99
N GLY B 111 5.48 -1.53 -4.08
CA GLY B 111 6.44 -0.95 -3.16
C GLY B 111 7.11 -1.96 -2.24
N HIS B 112 6.37 -3.00 -1.88
CA HIS B 112 6.89 -4.12 -1.08
C HIS B 112 8.09 -4.73 -1.76
N TYR B 113 8.05 -4.78 -3.08
CA TYR B 113 9.13 -5.43 -3.85
C TYR B 113 10.25 -4.46 -4.30
N GLU B 114 10.15 -3.18 -3.98
CA GLU B 114 11.23 -2.24 -4.31
C GLU B 114 11.57 -2.40 -5.77
N ILE B 115 10.58 -2.06 -6.58
CA ILE B 115 10.61 -2.11 -8.00
C ILE B 115 10.75 -0.66 -8.40
N SER B 116 11.64 -0.36 -9.32
CA SER B 116 11.96 1.02 -9.65
C SER B 116 11.41 1.38 -11.02
N ASN B 117 11.33 2.67 -11.30
CA ASN B 117 11.06 3.16 -12.66
C ASN B 117 11.88 2.39 -13.65
N GLY B 118 11.25 1.93 -14.70
CA GLY B 118 11.97 1.27 -15.77
C GLY B 118 12.26 -0.19 -15.51
N SER B 119 11.83 -0.71 -14.38
CA SER B 119 12.11 -2.11 -14.08
C SER B 119 11.40 -2.93 -15.13
N THR B 120 12.05 -4.01 -15.55
CA THR B 120 11.43 -4.91 -16.50
C THR B 120 10.60 -5.96 -15.78
N ILE B 121 9.34 -6.09 -16.19
CA ILE B 121 8.40 -7.12 -15.67
C ILE B 121 7.94 -7.99 -16.82
N LYS B 122 7.99 -9.29 -16.65
CA LYS B 122 7.64 -10.21 -17.71
C LYS B 122 6.29 -10.83 -17.36
N VAL B 123 5.34 -10.79 -18.29
CA VAL B 123 4.08 -11.45 -18.10
C VAL B 123 4.16 -12.84 -18.72
N PHE B 124 4.01 -13.87 -17.92
CA PHE B 124 4.19 -15.23 -18.40
C PHE B 124 2.99 -16.11 -18.09
N LYS B 125 2.84 -17.17 -18.90
CA LYS B 125 1.73 -18.10 -18.80
C LYS B 125 2.08 -19.12 -17.73
N LYS B 126 1.21 -19.32 -16.74
CA LYS B 126 1.48 -20.17 -15.56
C LYS B 126 1.41 -21.67 -15.89
UNK UNX C . -7.13 4.23 -3.16
UNK UNX D . -7.21 16.90 24.56
UNK UNX E . 11.51 6.39 9.75
UNK UNX F . 2.59 4.08 23.69
UNK UNX G . 10.02 5.89 16.93
UNK UNX H . -4.43 -5.56 2.34
UNK UNX I . 3.67 18.82 24.73
UNK UNX J . 9.37 16.30 17.46
UNK UNX K . 7.97 -15.09 -25.60
UNK UNX L . 4.42 1.95 -24.51
UNK UNX M . -1.20 -3.60 11.80
UNK UNX N . 6.77 -4.79 -29.80
#